data_7H2Q
#
_entry.id   7H2Q
#
_cell.length_a   42.380
_cell.length_b   42.380
_cell.length_c   216.378
_cell.angle_alpha   90.00
_cell.angle_beta   90.00
_cell.angle_gamma   90.00
#
_symmetry.space_group_name_H-M   'P 43 2 2'
#
loop_
_entity.id
_entity.type
_entity.pdbx_description
1 polymer 'Serine protease subunit NS2B'
2 polymer 'Serine protease NS3'
3 non-polymer 'DIMETHYL SULFOXIDE'
4 non-polymer N,N-dimethylpiperazine-1-carboxamide
5 water water
#
loop_
_entity_poly.entity_id
_entity_poly.type
_entity_poly.pdbx_seq_one_letter_code
_entity_poly.pdbx_strand_id
1 'polypeptide(L)' SMGKSVDMYIERAGDITWEKDAEVTGNSPRLDVALDESGDFSLVEE A
2 'polypeptide(L)'
;MKEVKKGETTDGVYRVMTRRLLGSTQVGVGVMQEGVFHTMWHVTKGAALRSGEGRLDPYWGDVKQDLVSYCGPWKLDAAW
DGLSEVQLLAVPPGERAKNIQTLPGIFKTKDGDIGAVALDYPAGTSGSPILDKCGRVIGLYGNGVVIKNGSYVSAITQGK
REEETPVE
;
B
#
loop_
_chem_comp.id
_chem_comp.type
_chem_comp.name
_chem_comp.formula
A1AKB non-polymer N,N-dimethylpiperazine-1-carboxamide 'C7 H15 N3 O'
DMS non-polymer 'DIMETHYL SULFOXIDE' 'C2 H6 O S'
#
# COMPACT_ATOMS: atom_id res chain seq x y z
N ASP A 7 -1.85 18.71 -11.22
CA ASP A 7 -1.41 18.62 -9.83
C ASP A 7 -2.19 17.52 -9.12
N MET A 8 -1.49 16.73 -8.31
CA MET A 8 -2.12 15.63 -7.59
C MET A 8 -2.65 16.11 -6.23
N TYR A 9 -3.77 15.53 -5.77
CA TYR A 9 -4.38 15.94 -4.52
C TYR A 9 -4.87 14.73 -3.70
N ILE A 10 -5.00 14.88 -2.38
CA ILE A 10 -5.47 13.78 -1.53
C ILE A 10 -6.88 14.06 -0.98
N GLU A 11 -7.65 12.98 -0.76
CA GLU A 11 -9.03 13.02 -0.26
C GLU A 11 -9.15 11.92 0.79
N ARG A 12 -9.65 12.24 2.01
CA ARG A 12 -9.79 11.21 3.05
C ARG A 12 -10.79 10.13 2.61
N ALA A 13 -10.47 8.86 2.87
CA ALA A 13 -11.33 7.74 2.49
C ALA A 13 -11.76 6.86 3.69
N GLY A 14 -11.13 7.02 4.84
CA GLY A 14 -11.50 6.21 5.99
C GLY A 14 -10.52 6.17 7.15
N ASP A 15 -10.95 5.49 8.23
CA ASP A 15 -10.17 5.24 9.44
C ASP A 15 -9.42 3.94 9.20
N ILE A 16 -8.26 3.79 9.84
CA ILE A 16 -7.49 2.54 9.72
C ILE A 16 -7.81 1.71 10.95
N THR A 17 -8.70 0.71 10.79
N THR A 17 -8.69 0.72 10.79
N THR A 17 -8.70 0.71 10.79
N THR A 17 -8.69 0.72 10.79
CA THR A 17 -9.09 -0.17 11.88
CA THR A 17 -9.16 -0.13 11.89
CA THR A 17 -9.09 -0.17 11.88
CA THR A 17 -9.16 -0.13 11.89
C THR A 17 -9.29 -1.60 11.38
C THR A 17 -9.41 -1.57 11.41
C THR A 17 -9.29 -1.60 11.38
C THR A 17 -9.41 -1.57 11.41
N TRP A 18 -9.15 -2.57 12.28
CA TRP A 18 -9.41 -3.98 11.94
C TRP A 18 -10.96 -4.12 12.09
N GLU A 19 -11.65 -4.73 11.12
CA GLU A 19 -13.11 -4.91 11.23
C GLU A 19 -13.47 -6.36 11.43
N LYS A 20 -14.20 -6.67 12.53
CA LYS A 20 -14.58 -8.04 12.80
C LYS A 20 -15.60 -8.50 11.75
N ASP A 21 -15.50 -9.75 11.32
CA ASP A 21 -16.38 -10.25 10.26
C ASP A 21 -16.27 -9.42 8.96
N ALA A 22 -15.03 -9.27 8.45
CA ALA A 22 -14.77 -8.65 7.16
C ALA A 22 -14.88 -9.81 6.12
N GLU A 23 -14.90 -9.50 4.80
CA GLU A 23 -14.95 -10.58 3.79
C GLU A 23 -13.60 -11.33 3.83
N VAL A 24 -13.61 -12.67 3.95
CA VAL A 24 -12.35 -13.43 4.02
C VAL A 24 -12.08 -14.15 2.69
N THR A 25 -10.96 -13.84 2.00
CA THR A 25 -10.64 -14.44 0.70
C THR A 25 -9.11 -14.38 0.40
N GLY A 26 -8.69 -15.00 -0.71
CA GLY A 26 -7.31 -15.00 -1.13
C GLY A 26 -6.57 -16.23 -0.64
N ASN A 27 -5.66 -16.73 -1.47
CA ASN A 27 -4.84 -17.86 -1.08
C ASN A 27 -3.47 -17.34 -0.50
N SER A 28 -2.48 -18.23 -0.23
CA SER A 28 -1.20 -17.87 0.40
C SER A 28 -0.01 -18.54 -0.32
N PRO A 29 0.29 -18.16 -1.57
CA PRO A 29 1.36 -18.86 -2.32
C PRO A 29 2.76 -18.58 -1.80
N ARG A 30 3.67 -19.55 -1.93
CA ARG A 30 5.08 -19.33 -1.55
C ARG A 30 5.81 -19.26 -2.87
N LEU A 31 6.38 -18.08 -3.18
CA LEU A 31 6.98 -17.85 -4.49
C LEU A 31 8.43 -17.40 -4.41
N ASP A 32 9.29 -17.94 -5.26
CA ASP A 32 10.69 -17.49 -5.33
C ASP A 32 10.72 -16.26 -6.26
N VAL A 33 11.07 -15.08 -5.73
CA VAL A 33 11.09 -13.87 -6.55
C VAL A 33 12.45 -13.14 -6.49
N ALA A 34 12.68 -12.21 -7.43
CA ALA A 34 13.86 -11.34 -7.49
C ALA A 34 13.37 -9.89 -7.56
N LEU A 35 14.09 -8.96 -6.92
CA LEU A 35 13.73 -7.54 -6.90
C LEU A 35 14.85 -6.80 -7.63
N ASP A 36 14.53 -6.11 -8.75
CA ASP A 36 15.58 -5.44 -9.52
C ASP A 36 15.85 -3.99 -8.99
N GLU A 37 16.88 -3.33 -9.53
CA GLU A 37 17.23 -1.97 -9.11
C GLU A 37 16.07 -0.99 -9.34
N SER A 38 15.20 -1.27 -10.33
CA SER A 38 14.04 -0.43 -10.62
C SER A 38 12.83 -0.67 -9.71
N GLY A 39 12.94 -1.57 -8.74
CA GLY A 39 11.82 -1.83 -7.83
C GLY A 39 10.77 -2.79 -8.40
N ASP A 40 11.09 -3.44 -9.53
CA ASP A 40 10.19 -4.43 -10.14
C ASP A 40 10.49 -5.84 -9.63
N PHE A 41 9.49 -6.53 -9.11
CA PHE A 41 9.63 -7.94 -8.73
C PHE A 41 9.37 -8.78 -9.97
N SER A 42 10.02 -9.94 -10.04
CA SER A 42 9.82 -10.91 -11.11
C SER A 42 9.89 -12.34 -10.55
N LEU A 43 9.16 -13.27 -11.16
CA LEU A 43 9.17 -14.65 -10.70
C LEU A 43 10.41 -15.39 -11.15
N VAL A 44 11.09 -16.04 -10.21
CA VAL A 44 12.25 -16.88 -10.50
C VAL A 44 11.78 -18.34 -10.51
N GLU A 45 12.19 -19.13 -11.49
CA GLU A 45 11.81 -20.56 -11.53
C GLU A 45 13.03 -21.45 -11.83
N GLY B 7 -3.93 21.90 5.32
CA GLY B 7 -5.10 21.13 4.93
C GLY B 7 -5.42 19.97 5.87
N GLU B 8 -5.86 18.83 5.32
CA GLU B 8 -6.23 17.70 6.14
C GLU B 8 -5.04 16.84 6.64
N THR B 9 -4.77 16.90 7.94
N THR B 9 -4.77 16.91 7.95
N THR B 9 -4.77 16.90 7.94
N THR B 9 -4.77 16.91 7.95
CA THR B 9 -3.67 16.15 8.54
CA THR B 9 -3.68 16.15 8.57
CA THR B 9 -3.67 16.15 8.54
CA THR B 9 -3.68 16.15 8.57
C THR B 9 -4.16 15.00 9.46
C THR B 9 -4.17 14.99 9.44
C THR B 9 -4.16 15.00 9.46
C THR B 9 -4.17 14.99 9.44
N THR B 10 -5.49 14.75 9.51
CA THR B 10 -6.07 13.69 10.31
C THR B 10 -5.52 12.33 9.89
N ASP B 11 -5.17 11.47 10.86
CA ASP B 11 -4.74 10.09 10.61
C ASP B 11 -5.83 9.37 9.78
N GLY B 12 -5.44 8.39 8.99
CA GLY B 12 -6.40 7.67 8.17
C GLY B 12 -5.86 7.31 6.81
N VAL B 13 -6.76 6.72 5.98
CA VAL B 13 -6.43 6.29 4.62
C VAL B 13 -6.99 7.33 3.65
N TYR B 14 -6.20 7.68 2.63
CA TYR B 14 -6.55 8.71 1.66
C TYR B 14 -6.44 8.21 0.24
N ARG B 15 -7.24 8.78 -0.65
CA ARG B 15 -7.11 8.56 -2.08
C ARG B 15 -6.11 9.57 -2.62
N VAL B 16 -5.34 9.19 -3.63
CA VAL B 16 -4.42 10.09 -4.35
C VAL B 16 -5.00 10.29 -5.75
N MET B 17 -5.40 11.52 -6.07
CA MET B 17 -6.09 11.84 -7.31
C MET B 17 -5.30 12.79 -8.24
N THR B 18 -5.62 12.75 -9.54
CA THR B 18 -5.05 13.67 -10.51
C THR B 18 -6.11 14.20 -11.48
N ARG B 19 -5.86 15.41 -12.01
CA ARG B 19 -6.66 16.06 -13.04
C ARG B 19 -5.93 16.11 -14.42
N ARG B 20 -4.75 15.48 -14.52
CA ARG B 20 -3.90 15.42 -15.72
C ARG B 20 -4.57 14.62 -16.87
N LEU B 21 -5.33 13.59 -16.55
CA LEU B 21 -6.00 12.72 -17.53
C LEU B 21 -7.49 13.14 -17.70
N LEU B 22 -8.35 12.27 -18.27
CA LEU B 22 -9.77 12.57 -18.43
C LEU B 22 -10.41 12.67 -17.05
N GLY B 23 -11.24 13.69 -16.80
CA GLY B 23 -11.90 13.88 -15.51
C GLY B 23 -10.96 13.86 -14.31
N SER B 24 -11.43 13.31 -13.18
CA SER B 24 -10.64 13.17 -11.98
C SER B 24 -10.32 11.69 -11.89
N THR B 25 -9.02 11.35 -11.84
CA THR B 25 -8.62 9.94 -11.85
C THR B 25 -7.88 9.56 -10.58
N GLN B 26 -8.23 8.41 -9.98
CA GLN B 26 -7.51 7.96 -8.79
C GLN B 26 -6.28 7.16 -9.23
N VAL B 27 -5.08 7.69 -8.95
CA VAL B 27 -3.84 7.00 -9.36
C VAL B 27 -3.25 6.10 -8.25
N GLY B 28 -3.72 6.26 -7.01
CA GLY B 28 -3.29 5.46 -5.86
C GLY B 28 -3.99 5.86 -4.57
N VAL B 29 -3.41 5.39 -3.43
CA VAL B 29 -3.88 5.49 -2.05
C VAL B 29 -2.67 5.71 -1.12
N GLY B 30 -2.91 6.28 0.05
CA GLY B 30 -1.86 6.43 1.05
C GLY B 30 -2.37 6.51 2.47
N VAL B 31 -1.44 6.57 3.44
CA VAL B 31 -1.72 6.57 4.86
C VAL B 31 -1.15 7.82 5.52
N MET B 32 -1.99 8.56 6.25
CA MET B 32 -1.55 9.71 7.03
C MET B 32 -1.38 9.17 8.47
N GLN B 33 -0.21 9.34 9.07
CA GLN B 33 0.04 8.92 10.44
C GLN B 33 1.08 9.83 11.03
N GLU B 34 0.84 10.33 12.25
CA GLU B 34 1.73 11.27 12.93
C GLU B 34 2.17 12.46 12.04
N GLY B 35 1.26 13.02 11.26
CA GLY B 35 1.52 14.17 10.39
C GLY B 35 2.30 13.89 9.11
N VAL B 36 2.59 12.59 8.84
CA VAL B 36 3.33 12.15 7.67
C VAL B 36 2.43 11.35 6.70
N PHE B 37 2.50 11.67 5.40
CA PHE B 37 1.72 10.93 4.41
C PHE B 37 2.66 9.87 3.75
N HIS B 38 2.23 8.63 3.74
CA HIS B 38 3.02 7.50 3.23
C HIS B 38 2.31 6.89 2.02
N THR B 39 3.02 6.71 0.90
CA THR B 39 2.43 6.05 -0.26
C THR B 39 3.54 5.28 -1.01
N MET B 40 3.19 4.66 -2.17
CA MET B 40 4.16 3.98 -2.99
C MET B 40 4.75 4.98 -3.99
N TRP B 41 6.05 4.87 -4.29
N TRP B 41 6.06 4.88 -4.28
N TRP B 41 6.05 4.87 -4.29
N TRP B 41 6.06 4.88 -4.28
CA TRP B 41 6.76 5.75 -5.21
CA TRP B 41 6.76 5.77 -5.21
CA TRP B 41 6.76 5.75 -5.21
CA TRP B 41 6.76 5.77 -5.21
C TRP B 41 6.12 5.79 -6.58
C TRP B 41 6.13 5.78 -6.59
C TRP B 41 6.12 5.79 -6.58
C TRP B 41 6.13 5.78 -6.59
N HIS B 42 5.73 4.62 -7.12
CA HIS B 42 5.11 4.58 -8.46
C HIS B 42 3.76 5.35 -8.56
N VAL B 43 3.10 5.62 -7.43
CA VAL B 43 1.83 6.35 -7.46
C VAL B 43 2.07 7.84 -7.75
N THR B 44 3.02 8.49 -7.04
CA THR B 44 3.25 9.93 -7.22
C THR B 44 4.47 10.31 -8.06
N LYS B 45 5.41 9.39 -8.21
CA LYS B 45 6.74 9.56 -8.84
C LYS B 45 7.58 10.62 -8.10
N GLY B 46 7.31 10.85 -6.82
CA GLY B 46 8.03 11.82 -5.99
C GLY B 46 7.51 13.24 -6.11
N ALA B 47 6.42 13.47 -6.86
CA ALA B 47 5.89 14.82 -7.05
C ALA B 47 5.18 15.34 -5.79
N ALA B 48 5.05 16.69 -5.66
CA ALA B 48 4.33 17.29 -4.53
C ALA B 48 2.83 16.98 -4.59
N LEU B 49 2.16 17.05 -3.44
CA LEU B 49 0.74 16.79 -3.35
C LEU B 49 -0.01 18.01 -2.79
N ARG B 50 -1.30 18.09 -3.06
CA ARG B 50 -2.15 19.12 -2.53
C ARG B 50 -3.13 18.49 -1.51
N SER B 51 -3.42 19.17 -0.41
CA SER B 51 -4.43 18.73 0.55
C SER B 51 -5.34 19.95 0.83
N GLY B 52 -6.37 20.15 0.00
CA GLY B 52 -7.22 21.33 0.11
C GLY B 52 -6.43 22.52 -0.36
N GLU B 53 -6.12 23.46 0.53
CA GLU B 53 -5.27 24.60 0.16
C GLU B 53 -3.77 24.41 0.56
N GLY B 54 -3.47 23.34 1.28
CA GLY B 54 -2.11 23.05 1.74
C GLY B 54 -1.29 22.22 0.77
N ARG B 55 0.03 22.24 0.95
CA ARG B 55 0.93 21.50 0.09
C ARG B 55 1.75 20.49 0.91
N LEU B 56 1.88 19.28 0.39
CA LEU B 56 2.69 18.25 1.00
C LEU B 56 3.96 18.08 0.12
N ASP B 57 5.14 18.29 0.66
CA ASP B 57 6.38 18.08 -0.08
C ASP B 57 6.98 16.70 0.25
N PRO B 58 7.61 16.01 -0.72
CA PRO B 58 8.27 14.74 -0.38
C PRO B 58 9.44 15.01 0.59
N TYR B 59 9.70 14.05 1.45
CA TYR B 59 10.70 14.12 2.48
C TYR B 59 11.72 12.99 2.33
N TRP B 60 11.26 11.80 2.04
CA TRP B 60 12.10 10.62 1.87
C TRP B 60 11.49 9.77 0.77
N GLY B 61 12.34 9.10 0.00
CA GLY B 61 11.83 8.21 -1.04
C GLY B 61 12.88 7.25 -1.54
N ASP B 62 12.45 6.11 -2.08
CA ASP B 62 13.40 5.11 -2.62
C ASP B 62 12.68 4.27 -3.69
N VAL B 63 13.15 4.34 -4.93
CA VAL B 63 12.56 3.62 -6.06
C VAL B 63 12.62 2.10 -5.86
N LYS B 64 13.75 1.59 -5.33
CA LYS B 64 13.88 0.14 -5.14
C LYS B 64 12.85 -0.41 -4.11
N GLN B 65 12.68 0.29 -2.97
CA GLN B 65 11.64 -0.10 -2.01
C GLN B 65 10.21 0.23 -2.52
N ASP B 66 10.11 1.13 -3.51
CA ASP B 66 8.88 1.64 -4.08
C ASP B 66 8.06 2.31 -2.98
N LEU B 67 8.72 3.21 -2.18
CA LEU B 67 8.03 3.94 -1.11
C LEU B 67 8.42 5.40 -1.10
N VAL B 68 7.55 6.25 -0.55
CA VAL B 68 7.84 7.69 -0.43
C VAL B 68 7.03 8.23 0.78
N SER B 69 7.60 9.15 1.53
CA SER B 69 6.94 9.83 2.64
C SER B 69 6.97 11.34 2.39
N TYR B 70 5.93 12.02 2.90
CA TYR B 70 5.72 13.48 2.75
C TYR B 70 5.58 14.16 4.13
N CYS B 71 6.20 15.34 4.35
CA CYS B 71 6.13 16.17 5.59
C CYS B 71 7.02 15.67 6.73
N GLY B 72 7.55 14.46 6.62
CA GLY B 72 8.45 13.93 7.64
C GLY B 72 8.95 12.55 7.29
N PRO B 73 9.74 11.95 8.18
CA PRO B 73 10.30 10.61 7.88
C PRO B 73 9.25 9.49 7.96
N TRP B 74 9.54 8.31 7.40
CA TRP B 74 8.64 7.17 7.42
C TRP B 74 8.31 6.80 8.89
N LYS B 75 6.99 6.72 9.24
CA LYS B 75 6.54 6.47 10.61
C LYS B 75 6.02 5.04 10.88
N LEU B 76 5.74 4.26 9.83
CA LEU B 76 5.13 2.94 9.93
C LEU B 76 6.17 1.87 10.20
N ASP B 77 6.16 1.27 11.40
CA ASP B 77 7.18 0.30 11.76
C ASP B 77 6.66 -1.09 12.16
N ALA B 78 5.32 -1.30 12.16
CA ALA B 78 4.82 -2.64 12.50
C ALA B 78 5.17 -3.62 11.39
N ALA B 79 5.26 -4.91 11.77
CA ALA B 79 5.63 -5.99 10.87
C ALA B 79 4.67 -7.14 10.96
N TRP B 80 4.48 -7.86 9.81
CA TRP B 80 3.65 -9.07 9.78
C TRP B 80 4.35 -10.12 10.69
N ASP B 81 3.60 -10.81 11.55
CA ASP B 81 4.21 -11.77 12.48
C ASP B 81 4.61 -13.11 11.83
N GLY B 82 4.25 -13.32 10.55
CA GLY B 82 4.56 -14.55 9.82
C GLY B 82 3.60 -15.70 10.10
N LEU B 83 2.51 -15.44 10.83
CA LEU B 83 1.59 -16.50 11.23
C LEU B 83 0.14 -16.15 11.05
N SER B 84 -0.23 -14.94 11.45
CA SER B 84 -1.61 -14.55 11.52
C SER B 84 -2.16 -13.95 10.23
N GLU B 85 -3.50 -14.01 10.11
CA GLU B 85 -4.22 -13.41 9.02
C GLU B 85 -4.11 -11.86 9.19
N VAL B 86 -4.32 -11.14 8.10
CA VAL B 86 -4.22 -9.67 8.10
C VAL B 86 -5.44 -9.11 7.36
N GLN B 87 -5.60 -7.77 7.32
CA GLN B 87 -6.61 -7.17 6.52
C GLN B 87 -6.01 -6.18 5.54
N LEU B 88 -6.39 -6.27 4.25
CA LEU B 88 -6.08 -5.28 3.24
C LEU B 88 -7.24 -4.27 3.36
N LEU B 89 -6.91 -3.01 3.67
CA LEU B 89 -7.95 -1.97 3.75
C LEU B 89 -7.94 -1.40 2.33
N ALA B 90 -8.66 -2.07 1.43
CA ALA B 90 -8.67 -1.69 0.01
C ALA B 90 -9.47 -0.43 -0.24
N VAL B 91 -8.89 0.51 -1.05
CA VAL B 91 -9.61 1.75 -1.41
C VAL B 91 -9.65 1.83 -2.93
N PRO B 92 -10.58 1.08 -3.59
CA PRO B 92 -10.60 1.08 -5.06
C PRO B 92 -11.13 2.37 -5.66
N PRO B 93 -10.72 2.68 -6.90
CA PRO B 93 -11.23 3.91 -7.55
C PRO B 93 -12.75 3.99 -7.60
N GLY B 94 -13.30 5.14 -7.22
CA GLY B 94 -14.74 5.42 -7.21
C GLY B 94 -15.55 4.54 -6.28
N GLU B 95 -14.89 3.75 -5.40
CA GLU B 95 -15.61 2.83 -4.51
C GLU B 95 -15.22 3.04 -3.05
N ARG B 96 -16.11 2.65 -2.12
CA ARG B 96 -15.90 2.77 -0.69
C ARG B 96 -14.77 1.92 -0.18
N ALA B 97 -14.09 2.39 0.92
CA ALA B 97 -13.03 1.62 1.59
C ALA B 97 -13.64 0.30 2.09
N LYS B 98 -12.95 -0.81 1.91
CA LYS B 98 -13.44 -2.14 2.26
C LYS B 98 -12.31 -2.95 2.89
N ASN B 99 -12.56 -3.62 4.02
CA ASN B 99 -11.57 -4.48 4.68
C ASN B 99 -11.69 -5.88 4.13
N ILE B 100 -10.57 -6.49 3.75
CA ILE B 100 -10.56 -7.83 3.20
C ILE B 100 -9.57 -8.61 4.03
N GLN B 101 -10.04 -9.67 4.67
CA GLN B 101 -9.17 -10.48 5.51
C GLN B 101 -8.55 -11.63 4.72
N THR B 102 -7.24 -11.87 4.91
CA THR B 102 -6.54 -12.92 4.16
C THR B 102 -5.33 -13.46 4.93
N LEU B 103 -4.83 -14.65 4.54
CA LEU B 103 -3.61 -15.17 5.15
C LEU B 103 -2.52 -14.92 4.16
N PRO B 104 -1.46 -14.16 4.51
CA PRO B 104 -0.41 -13.90 3.53
C PRO B 104 0.41 -15.12 3.13
N GLY B 105 0.83 -15.11 1.89
CA GLY B 105 1.79 -16.05 1.35
C GLY B 105 3.20 -15.46 1.57
N ILE B 106 4.22 -15.99 0.87
CA ILE B 106 5.59 -15.51 1.05
C ILE B 106 6.31 -15.23 -0.26
N PHE B 107 7.02 -14.12 -0.35
CA PHE B 107 7.95 -13.83 -1.43
C PHE B 107 9.34 -14.26 -0.86
N LYS B 108 9.97 -15.30 -1.41
CA LYS B 108 11.27 -15.75 -0.94
C LYS B 108 12.32 -15.06 -1.81
N THR B 109 13.23 -14.27 -1.22
CA THR B 109 14.26 -13.58 -2.01
C THR B 109 15.67 -13.94 -1.53
N LYS B 110 16.71 -13.64 -2.34
CA LYS B 110 18.09 -13.89 -1.94
C LYS B 110 18.49 -13.09 -0.68
N ASP B 111 17.75 -11.99 -0.37
CA ASP B 111 18.00 -11.14 0.79
C ASP B 111 17.02 -11.34 1.95
N GLY B 112 16.22 -12.40 1.92
CA GLY B 112 15.26 -12.65 2.98
C GLY B 112 13.82 -12.78 2.53
N ASP B 113 12.95 -13.28 3.42
CA ASP B 113 11.53 -13.49 3.12
C ASP B 113 10.65 -12.28 3.49
N ILE B 114 9.59 -12.05 2.68
CA ILE B 114 8.63 -10.97 2.79
C ILE B 114 7.23 -11.59 2.69
N GLY B 115 6.25 -11.10 3.45
CA GLY B 115 4.86 -11.54 3.33
C GLY B 115 4.28 -11.01 2.02
N ALA B 116 3.26 -11.70 1.51
CA ALA B 116 2.63 -11.27 0.24
C ALA B 116 1.13 -11.55 0.32
N VAL B 117 0.31 -10.68 -0.28
N VAL B 117 0.32 -10.70 -0.31
N VAL B 117 0.31 -10.68 -0.28
N VAL B 117 0.32 -10.70 -0.31
CA VAL B 117 -1.13 -10.87 -0.28
CA VAL B 117 -1.12 -10.79 -0.28
CA VAL B 117 -1.13 -10.87 -0.28
CA VAL B 117 -1.12 -10.79 -0.28
C VAL B 117 -1.65 -11.14 -1.70
C VAL B 117 -1.68 -11.10 -1.70
C VAL B 117 -1.65 -11.14 -1.70
C VAL B 117 -1.68 -11.10 -1.70
N ALA B 118 -2.35 -12.26 -1.86
CA ALA B 118 -2.90 -12.66 -3.16
C ALA B 118 -4.28 -12.10 -3.38
N LEU B 119 -4.36 -10.78 -3.62
CA LEU B 119 -5.64 -10.11 -3.82
C LEU B 119 -5.48 -9.21 -5.05
N ASP B 120 -6.51 -9.16 -5.90
CA ASP B 120 -6.42 -8.39 -7.13
C ASP B 120 -7.40 -7.23 -7.17
N TYR B 121 -6.87 -5.99 -7.25
CA TYR B 121 -7.64 -4.76 -7.33
C TYR B 121 -7.10 -3.89 -8.47
N PRO B 122 -7.89 -2.93 -8.99
CA PRO B 122 -7.37 -2.06 -10.06
C PRO B 122 -6.07 -1.34 -9.65
N ALA B 123 -5.23 -0.97 -10.63
CA ALA B 123 -3.96 -0.25 -10.43
C ALA B 123 -4.04 0.94 -9.45
N GLY B 124 -5.13 1.69 -9.50
CA GLY B 124 -5.34 2.86 -8.64
C GLY B 124 -5.54 2.55 -7.16
N THR B 125 -5.57 1.29 -6.80
CA THR B 125 -5.68 0.83 -5.42
C THR B 125 -4.28 0.75 -4.73
N SER B 126 -3.16 0.90 -5.51
CA SER B 126 -1.79 0.85 -4.98
C SER B 126 -1.61 1.85 -3.88
N GLY B 127 -1.04 1.40 -2.75
CA GLY B 127 -0.82 2.22 -1.58
C GLY B 127 -1.80 1.94 -0.45
N SER B 128 -2.85 1.10 -0.70
CA SER B 128 -3.81 0.72 0.35
C SER B 128 -3.05 -0.01 1.47
N PRO B 129 -3.35 0.31 2.72
CA PRO B 129 -2.62 -0.32 3.83
C PRO B 129 -3.07 -1.73 4.17
N ILE B 130 -2.10 -2.55 4.64
CA ILE B 130 -2.32 -3.90 5.17
C ILE B 130 -2.18 -3.77 6.70
N LEU B 131 -3.12 -4.32 7.47
CA LEU B 131 -3.15 -4.16 8.92
C LEU B 131 -3.06 -5.42 9.75
N ASP B 132 -2.54 -5.29 10.97
CA ASP B 132 -2.55 -6.40 11.95
C ASP B 132 -3.81 -6.29 12.85
N LYS B 133 -4.02 -7.25 13.74
CA LYS B 133 -5.20 -7.33 14.62
C LYS B 133 -5.37 -6.12 15.54
N CYS B 134 -4.28 -5.39 15.81
CA CYS B 134 -4.29 -4.15 16.61
C CYS B 134 -4.61 -2.91 15.82
N GLY B 135 -4.83 -3.03 14.52
CA GLY B 135 -5.05 -1.86 13.68
C GLY B 135 -3.77 -1.18 13.23
N ARG B 136 -2.59 -1.80 13.44
CA ARG B 136 -1.31 -1.19 13.03
C ARG B 136 -1.01 -1.48 11.57
N VAL B 137 -0.46 -0.49 10.82
CA VAL B 137 -0.15 -0.68 9.41
C VAL B 137 1.17 -1.44 9.30
N ILE B 138 1.13 -2.69 8.79
CA ILE B 138 2.32 -3.56 8.59
C ILE B 138 2.95 -3.46 7.17
N GLY B 139 2.32 -2.67 6.30
CA GLY B 139 2.84 -2.46 4.96
C GLY B 139 1.80 -1.91 4.00
N LEU B 140 2.22 -1.63 2.77
CA LEU B 140 1.35 -1.09 1.72
C LEU B 140 1.24 -2.08 0.57
N TYR B 141 0.06 -2.13 -0.07
CA TYR B 141 -0.27 -3.04 -1.17
C TYR B 141 0.01 -2.37 -2.52
N GLY B 142 0.48 -3.11 -3.53
CA GLY B 142 0.63 -2.51 -4.84
C GLY B 142 1.92 -2.68 -5.61
N ASN B 143 2.91 -3.42 -5.06
CA ASN B 143 4.13 -3.74 -5.80
C ASN B 143 4.29 -5.24 -5.69
N GLY B 144 4.13 -5.92 -6.81
CA GLY B 144 4.16 -7.38 -6.81
C GLY B 144 4.43 -8.01 -8.14
N VAL B 145 3.81 -9.20 -8.36
CA VAL B 145 4.02 -10.02 -9.52
C VAL B 145 2.73 -10.72 -10.00
N VAL B 146 2.75 -11.28 -11.22
CA VAL B 146 1.67 -12.06 -11.81
C VAL B 146 2.21 -13.48 -11.87
N ILE B 147 1.46 -14.46 -11.31
CA ILE B 147 1.95 -15.85 -11.33
C ILE B 147 1.23 -16.69 -12.42
N LYS B 148 1.67 -17.95 -12.62
CA LYS B 148 1.21 -18.95 -13.60
C LYS B 148 -0.25 -18.85 -14.09
N ASN B 149 -1.24 -18.65 -13.21
CA ASN B 149 -2.65 -18.60 -13.64
C ASN B 149 -3.20 -17.19 -13.92
N GLY B 150 -2.31 -16.24 -14.11
CA GLY B 150 -2.68 -14.84 -14.33
C GLY B 150 -3.16 -14.10 -13.09
N SER B 151 -2.89 -14.67 -11.90
N SER B 151 -2.92 -14.67 -11.90
N SER B 151 -2.89 -14.67 -11.90
N SER B 151 -2.92 -14.67 -11.90
CA SER B 151 -3.29 -14.08 -10.63
CA SER B 151 -3.34 -14.03 -10.66
CA SER B 151 -3.29 -14.08 -10.63
CA SER B 151 -3.34 -14.03 -10.66
C SER B 151 -2.23 -13.12 -10.10
C SER B 151 -2.25 -13.12 -10.11
C SER B 151 -2.23 -13.12 -10.10
C SER B 151 -2.25 -13.12 -10.11
N TYR B 152 -2.64 -11.96 -9.58
CA TYR B 152 -1.71 -10.97 -9.03
C TYR B 152 -1.41 -11.19 -7.55
N VAL B 153 -0.13 -11.18 -7.18
CA VAL B 153 0.29 -11.29 -5.80
C VAL B 153 1.15 -10.05 -5.45
N SER B 154 0.76 -9.30 -4.42
CA SER B 154 1.50 -8.11 -4.02
C SER B 154 2.42 -8.37 -2.80
N ALA B 155 3.60 -7.78 -2.72
CA ALA B 155 4.42 -7.88 -1.50
C ALA B 155 3.69 -7.06 -0.42
N ILE B 156 3.94 -7.37 0.85
CA ILE B 156 3.50 -6.54 1.95
C ILE B 156 4.76 -5.59 2.06
N THR B 157 4.75 -4.40 1.42
CA THR B 157 5.92 -3.52 1.44
C THR B 157 5.92 -2.58 2.62
N GLN B 158 6.93 -2.69 3.47
CA GLN B 158 7.09 -1.83 4.66
C GLN B 158 8.47 -1.07 4.62
N GLY B 159 8.48 0.16 5.10
CA GLY B 159 9.70 0.96 5.20
C GLY B 159 10.34 0.82 6.57
N LYS B 160 11.39 1.61 6.84
CA LYS B 160 12.05 1.55 8.16
C LYS B 160 11.86 2.86 8.92
N ARG B 161 11.49 2.78 10.20
CA ARG B 161 11.34 3.98 11.02
C ARG B 161 12.70 4.22 11.71
N GLU B 162 13.34 5.37 11.46
CA GLU B 162 14.64 5.69 12.09
C GLU B 162 14.43 6.13 13.54
S DMS C . 8.82 14.84 -10.41
O DMS C . 9.09 14.39 -9.01
C1 DMS C . 7.56 16.13 -10.37
C2 DMS C . 7.71 13.62 -11.17
N1 A1AKB D . -2.85 -4.48 -10.95
C4 A1AKB D . -3.25 -6.83 -11.63
C5 A1AKB D . -4.52 -5.05 -12.68
C6 A1AKB D . -4.11 -4.08 -11.60
O A1AKB D . -1.37 -2.95 -11.65
C2 A1AKB D . -1.90 -3.53 -10.72
N A1AKB D . -1.59 -3.22 -9.42
C1 A1AKB D . -2.44 -3.35 -8.23
C A1AKB D . -0.30 -2.61 -9.19
N2 A1AKB D . -4.56 -6.42 -12.14
C3 A1AKB D . -2.80 -5.89 -10.52
N1 A1AKB E . -9.41 -12.11 -5.72
C4 A1AKB E . -9.76 -14.22 -4.50
C5 A1AKB E . -7.56 -13.76 -5.50
C6 A1AKB E . -8.05 -12.47 -6.15
O A1AKB E . -9.79 -10.50 -7.25
C2 A1AKB E . -9.93 -10.92 -6.11
N A1AKB E . -10.64 -10.24 -5.18
C1 A1AKB E . -12.02 -9.85 -5.40
C A1AKB E . -10.08 -9.85 -3.89
N2 A1AKB E . -8.31 -14.02 -4.25
C3 A1AKB E . -10.30 -13.26 -5.54
#